data_3SOO
#
_entry.id   3SOO
#
_cell.length_a   69.140
_cell.length_b   69.140
_cell.length_c   292.270
_cell.angle_alpha   90.000
_cell.angle_beta   90.000
_cell.angle_gamma   120.000
#
_symmetry.space_group_name_H-M   'P 65 2 2'
#
loop_
_entity.id
_entity.type
_entity.pdbx_description
1 polymer 'LINE-1 type transposase domain-containing protein 1'
2 non-polymer 'SULFATE ION'
3 non-polymer 'CHLORIDE ION'
#
_entity_poly.entity_id   1
_entity_poly.type   'polypeptide(L)'
_entity_poly.pdbx_seq_one_letter_code
;GVL(MSE)DEGAVLTLAADLSSATLDIS(MLY)QWSNVFNILRENDFEP(MLY)FLCEV(MLY)LAF(MLY)CDGEI
(MLY)TFSDLQSLR(MLY)FASQ(MLY)SS(MSE)(MLY)ELL(MLY)DVLPQ(MLY)E
;
_entity_poly.pdbx_strand_id   A,B,C
#
# COMPACT_ATOMS: atom_id res chain seq x y z
N GLY A 1 -1.09 -4.50 -10.97
CA GLY A 1 -0.88 -5.24 -9.73
C GLY A 1 -2.11 -5.88 -9.11
N VAL A 2 -1.91 -6.75 -8.10
CA VAL A 2 -2.94 -7.50 -7.38
C VAL A 2 -3.97 -6.54 -6.71
N LEU A 3 -3.47 -5.45 -6.16
CA LEU A 3 -4.36 -4.50 -5.51
C LEU A 3 -4.91 -3.51 -6.52
N ASP A 5 -5.73 -0.22 -8.30
CA ASP A 5 -4.95 1.01 -8.44
C ASP A 5 -5.81 2.21 -8.18
N GLU A 6 -5.45 2.95 -7.13
CA GLU A 6 -6.17 4.13 -6.67
C GLU A 6 -5.28 5.36 -6.82
N GLY A 7 -4.06 5.13 -7.27
CA GLY A 7 -3.05 6.17 -7.36
C GLY A 7 -2.14 6.08 -6.16
N ALA A 8 -1.18 7.01 -6.04
CA ALA A 8 -0.22 7.01 -4.96
C ALA A 8 -0.80 7.55 -3.66
N VAL A 9 -0.62 6.80 -2.59
CA VAL A 9 -1.10 7.19 -1.27
C VAL A 9 -0.02 8.05 -0.62
N LEU A 10 -0.41 9.27 -0.20
CA LEU A 10 0.49 10.23 0.43
C LEU A 10 0.80 9.88 1.90
N THR A 11 2.04 10.09 2.33
CA THR A 11 2.45 9.89 3.72
C THR A 11 2.61 11.29 4.24
N LEU A 12 1.68 11.67 5.11
CA LEU A 12 1.64 12.99 5.68
C LEU A 12 2.61 13.19 6.83
N ALA A 13 2.97 14.46 7.04
CA ALA A 13 3.82 14.91 8.14
C ALA A 13 3.02 14.74 9.41
N ALA A 14 3.70 14.72 10.58
CA ALA A 14 3.07 14.55 11.87
C ALA A 14 1.90 15.53 12.07
N ASP A 15 2.13 16.82 11.72
CA ASP A 15 1.16 17.89 11.84
C ASP A 15 0.10 17.88 10.70
N LEU A 16 0.20 16.91 9.77
CA LEU A 16 -0.72 16.67 8.62
C LEU A 16 -0.80 17.88 7.68
N SER A 17 0.25 18.72 7.68
CA SER A 17 0.34 19.95 6.91
C SER A 17 1.00 19.75 5.54
N SER A 18 1.86 18.73 5.41
CA SER A 18 2.59 18.45 4.17
C SER A 18 2.84 16.95 3.95
N ALA A 19 3.33 16.59 2.76
CA ALA A 19 3.68 15.22 2.34
C ALA A 19 4.76 15.31 1.28
N THR A 20 5.71 14.35 1.27
CA THR A 20 6.78 14.42 0.26
C THR A 20 6.68 13.29 -0.76
N LEU A 21 6.77 13.68 -2.06
CA LEU A 21 6.78 12.78 -3.23
C LEU A 21 8.19 12.44 -3.65
N ASP A 22 8.47 11.17 -3.91
CA ASP A 22 9.79 10.72 -4.40
C ASP A 22 9.68 10.38 -5.89
N ILE A 23 10.51 11.00 -6.73
CA ILE A 23 10.43 10.75 -8.17
C ILE A 23 11.45 9.73 -8.63
N SER A 24 10.97 8.81 -9.49
CA SER A 24 11.75 7.75 -10.14
C SER A 24 12.92 8.38 -10.84
N GLN A 26 14.54 7.43 -13.30
CA GLN A 26 14.40 7.39 -14.76
C GLN A 26 13.60 8.61 -15.27
N TRP A 27 12.48 8.95 -14.58
CA TRP A 27 11.63 10.09 -14.94
C TRP A 27 12.34 11.42 -14.64
N SER A 28 13.24 11.45 -13.62
CA SER A 28 14.03 12.63 -13.28
C SER A 28 14.99 12.94 -14.46
N ASN A 29 15.61 11.88 -15.03
CA ASN A 29 16.53 12.01 -16.16
C ASN A 29 15.78 12.51 -17.40
N VAL A 30 14.60 11.89 -17.69
CA VAL A 30 13.74 12.30 -18.81
C VAL A 30 13.44 13.79 -18.66
N PHE A 31 13.08 14.22 -17.44
CA PHE A 31 12.77 15.61 -17.12
C PHE A 31 13.97 16.53 -17.46
N ASN A 32 15.18 16.22 -16.90
CA ASN A 32 16.35 17.05 -17.14
C ASN A 32 16.71 17.18 -18.63
N ILE A 33 16.71 16.06 -19.41
CA ILE A 33 16.99 16.11 -20.86
C ILE A 33 16.00 17.06 -21.57
N LEU A 34 14.69 16.93 -21.26
CA LEU A 34 13.63 17.75 -21.83
C LEU A 34 13.79 19.21 -21.44
N ARG A 35 14.14 19.47 -20.17
CA ARG A 35 14.37 20.81 -19.67
C ARG A 35 15.50 21.48 -20.45
N GLU A 36 16.68 20.84 -20.48
CA GLU A 36 17.89 21.33 -21.17
C GLU A 36 17.70 21.58 -22.67
N ASN A 37 16.73 20.88 -23.30
CA ASN A 37 16.46 21.02 -24.72
C ASN A 37 15.21 21.85 -25.01
N ASP A 38 14.87 22.76 -24.08
CA ASP A 38 13.83 23.80 -24.15
C ASP A 38 12.39 23.27 -24.37
N PHE A 39 12.00 22.20 -23.66
CA PHE A 39 10.65 21.63 -23.75
C PHE A 39 9.77 22.15 -22.61
N GLU A 40 10.38 22.94 -21.68
CA GLU A 40 9.73 23.53 -20.50
C GLU A 40 8.87 22.43 -19.77
N PRO A 41 9.50 21.32 -19.31
CA PRO A 41 8.72 20.24 -18.67
C PRO A 41 8.24 20.59 -17.29
N PHE A 43 5.83 18.58 -13.89
CA PHE A 43 5.12 17.43 -13.37
C PHE A 43 3.84 17.93 -12.75
N LEU A 44 2.72 17.45 -13.28
CA LEU A 44 1.39 17.85 -12.86
C LEU A 44 0.84 16.83 -11.90
N CYS A 45 0.20 17.35 -10.88
CA CYS A 45 -0.30 16.60 -9.78
C CYS A 45 -1.77 16.85 -9.50
N GLU A 46 -2.54 15.77 -9.30
CA GLU A 46 -3.97 15.81 -9.03
C GLU A 46 -4.22 15.05 -7.72
N VAL A 47 -4.73 15.76 -6.68
CA VAL A 47 -4.96 15.14 -5.37
C VAL A 47 -6.44 15.06 -5.01
N LEU A 49 -9.25 13.15 -1.89
CA LEU A 49 -9.40 12.52 -0.60
C LEU A 49 -10.26 11.27 -0.76
N ALA A 50 -9.83 10.15 -0.21
CA ALA A 50 -10.64 8.96 -0.29
C ALA A 50 -10.81 8.34 1.07
N PHE A 51 -11.98 7.73 1.30
CA PHE A 51 -12.30 7.05 2.55
C PHE A 51 -13.40 6.00 2.34
N CYS A 53 -16.78 4.59 3.27
CA CYS A 53 -17.98 5.11 3.91
C CYS A 53 -18.87 3.97 4.43
N ASP A 54 -19.95 3.65 3.71
CA ASP A 54 -20.83 2.60 4.21
C ASP A 54 -20.15 1.27 3.93
N GLY A 55 -19.90 0.99 2.66
CA GLY A 55 -19.17 -0.19 2.24
C GLY A 55 -18.43 0.10 0.96
N GLU A 56 -18.39 1.40 0.61
CA GLU A 56 -17.78 1.89 -0.62
C GLU A 56 -16.61 2.83 -0.39
N ILE A 57 -15.88 3.12 -1.47
CA ILE A 57 -14.78 4.08 -1.44
C ILE A 57 -15.31 5.34 -2.08
N THR A 59 -14.58 9.32 -3.16
CA THR A 59 -13.46 10.26 -3.41
C THR A 59 -14.00 11.67 -3.64
N PHE A 60 -13.23 12.71 -3.19
CA PHE A 60 -13.64 14.10 -3.29
C PHE A 60 -12.47 14.99 -3.58
N SER A 61 -12.72 16.08 -4.32
CA SER A 61 -11.74 17.09 -4.74
C SER A 61 -12.16 18.50 -4.30
N ASP A 62 -13.43 18.66 -3.86
CA ASP A 62 -13.93 19.96 -3.40
C ASP A 62 -14.87 19.77 -2.23
N LEU A 63 -14.73 20.63 -1.24
CA LEU A 63 -15.46 20.52 0.00
C LEU A 63 -16.98 20.65 -0.13
N GLN A 64 -17.49 21.35 -1.18
CA GLN A 64 -18.93 21.52 -1.35
C GLN A 64 -19.59 20.19 -1.76
N SER A 65 -18.87 19.35 -2.50
CA SER A 65 -19.33 18.02 -2.88
C SER A 65 -19.34 17.09 -1.68
N LEU A 66 -18.26 17.18 -0.84
CA LEU A 66 -18.15 16.42 0.41
C LEU A 66 -19.29 16.85 1.32
N ARG A 67 -19.58 18.16 1.42
CA ARG A 67 -20.66 18.69 2.24
C ARG A 67 -22.03 18.16 1.76
N PHE A 69 -22.64 15.36 -0.01
CA PHE A 69 -22.65 13.94 0.26
C PHE A 69 -22.86 13.65 1.76
N ALA A 70 -22.14 14.36 2.64
CA ALA A 70 -22.23 14.17 4.08
C ALA A 70 -23.57 14.65 4.62
N SER A 71 -24.23 15.61 3.93
CA SER A 71 -25.55 16.11 4.35
C SER A 71 -26.59 14.98 4.33
N GLN A 72 -26.46 14.06 3.34
CA GLN A 72 -27.34 12.91 3.15
C GLN A 72 -27.14 11.82 4.24
N SER A 74 -26.44 10.74 8.25
CA SER A 74 -26.48 11.10 9.69
C SER A 74 -25.14 10.75 10.38
N SER A 75 -24.45 9.71 9.85
CA SER A 75 -23.13 9.20 10.25
C SER A 75 -21.99 10.21 9.97
N GLU A 78 -23.45 15.69 11.25
CA GLU A 78 -23.16 16.45 12.46
C GLU A 78 -21.66 16.52 12.72
N LEU A 79 -20.93 15.48 12.29
CA LEU A 79 -19.50 15.35 12.52
C LEU A 79 -18.71 16.46 11.84
N LEU A 80 -19.02 16.74 10.59
CA LEU A 80 -18.25 17.68 9.83
C LEU A 80 -18.89 19.06 9.75
N ASP A 82 -18.76 21.67 11.58
CA ASP A 82 -17.81 22.70 11.98
C ASP A 82 -16.61 22.84 11.06
N VAL A 83 -16.28 21.82 10.25
CA VAL A 83 -15.12 21.89 9.32
C VAL A 83 -15.52 22.43 7.98
N LEU A 84 -16.47 21.75 7.34
CA LEU A 84 -16.97 22.02 5.99
C LEU A 84 -17.60 23.40 5.86
N PRO A 85 -17.58 24.02 4.66
CA PRO A 85 -18.18 25.37 4.50
C PRO A 85 -19.70 25.36 4.65
N GLN A 86 -20.28 26.48 5.12
CA GLN A 86 -21.72 26.62 5.39
C GLN A 86 -22.54 27.00 4.11
N GLY B 1 5.07 4.17 -13.20
CA GLY B 1 4.63 5.54 -12.94
C GLY B 1 5.75 6.53 -12.62
N VAL B 2 5.42 7.85 -12.62
CA VAL B 2 6.35 8.95 -12.36
C VAL B 2 7.01 8.83 -10.98
N LEU B 3 6.22 8.44 -9.98
CA LEU B 3 6.75 8.29 -8.63
C LEU B 3 7.41 6.94 -8.46
N ASP B 5 8.62 3.52 -7.27
CA ASP B 5 7.91 2.35 -6.77
C ASP B 5 8.58 1.82 -5.53
N GLU B 6 7.85 1.87 -4.42
CA GLU B 6 8.28 1.41 -3.11
C GLU B 6 7.37 0.28 -2.66
N GLY B 7 6.34 0.00 -3.46
CA GLY B 7 5.30 -0.96 -3.16
C GLY B 7 4.09 -0.20 -2.68
N ALA B 8 3.06 -0.91 -2.21
CA ALA B 8 1.81 -0.30 -1.71
C ALA B 8 1.96 0.28 -0.30
N VAL B 9 1.52 1.52 -0.13
CA VAL B 9 1.58 2.19 1.15
C VAL B 9 0.33 1.88 1.94
N LEU B 10 0.49 1.35 3.16
CA LEU B 10 -0.62 0.98 4.04
C LEU B 10 -1.26 2.16 4.74
N THR B 11 -2.59 2.15 4.87
CA THR B 11 -3.34 3.18 5.63
C THR B 11 -3.78 2.50 6.90
N LEU B 12 -3.13 2.89 8.00
CA LEU B 12 -3.36 2.28 9.29
C LEU B 12 -4.60 2.82 9.98
N ALA B 13 -5.17 1.98 10.89
CA ALA B 13 -6.30 2.33 11.73
C ALA B 13 -5.82 3.36 12.74
N ALA B 14 -6.73 4.13 13.34
CA ALA B 14 -6.38 5.16 14.31
C ALA B 14 -5.46 4.63 15.40
N ASP B 15 -5.80 3.44 15.95
CA ASP B 15 -5.04 2.79 17.02
C ASP B 15 -3.75 2.10 16.51
N LEU B 16 -3.48 2.18 15.16
CA LEU B 16 -2.29 1.66 14.44
C LEU B 16 -2.16 0.13 14.62
N SER B 17 -3.29 -0.55 14.89
CA SER B 17 -3.37 -1.99 15.13
C SER B 17 -3.62 -2.79 13.84
N SER B 18 -4.26 -2.18 12.83
CA SER B 18 -4.61 -2.84 11.57
C SER B 18 -4.56 -1.90 10.36
N ALA B 19 -4.69 -2.46 9.15
CA ALA B 19 -4.74 -1.77 7.85
C ALA B 19 -5.51 -2.63 6.86
N THR B 20 -6.32 -2.04 5.96
CA THR B 20 -7.07 -2.88 5.03
C THR B 20 -6.61 -2.71 3.57
N LEU B 21 -6.36 -3.86 2.88
CA LEU B 21 -5.95 -3.96 1.47
C LEU B 21 -7.16 -4.18 0.59
N ASP B 22 -7.25 -3.44 -0.54
CA ASP B 22 -8.37 -3.57 -1.50
C ASP B 22 -7.87 -4.28 -2.74
N ILE B 23 -8.51 -5.39 -3.10
CA ILE B 23 -8.07 -6.20 -4.24
C ILE B 23 -8.86 -5.86 -5.49
N SER B 24 -8.09 -5.73 -6.61
CA SER B 24 -8.55 -5.51 -7.97
C SER B 24 -9.56 -6.58 -8.31
N GLN B 26 -10.41 -7.79 -11.02
CA GLN B 26 -9.89 -8.75 -12.00
C GLN B 26 -9.10 -9.88 -11.31
N TRP B 27 -8.24 -9.54 -10.34
CA TRP B 27 -7.46 -10.50 -9.56
C TRP B 27 -8.35 -11.32 -8.60
N SER B 28 -9.47 -10.74 -8.14
CA SER B 28 -10.45 -11.44 -7.29
C SER B 28 -11.09 -12.58 -8.10
N ASN B 29 -11.43 -12.30 -9.38
CA ASN B 29 -12.05 -13.26 -10.30
C ASN B 29 -11.07 -14.37 -10.59
N VAL B 30 -9.81 -14.01 -10.92
CA VAL B 30 -8.73 -14.96 -11.19
C VAL B 30 -8.62 -15.90 -9.99
N PHE B 31 -8.62 -15.34 -8.77
CA PHE B 31 -8.54 -16.09 -7.52
C PHE B 31 -9.69 -17.11 -7.42
N ASN B 32 -10.97 -16.65 -7.51
CA ASN B 32 -12.10 -17.55 -7.40
C ASN B 32 -12.09 -18.69 -8.45
N ILE B 33 -11.80 -18.41 -9.74
CA ILE B 33 -11.72 -19.46 -10.79
C ILE B 33 -10.68 -20.53 -10.40
N LEU B 34 -9.48 -20.07 -9.96
CA LEU B 34 -8.37 -20.93 -9.54
C LEU B 34 -8.74 -21.75 -8.31
N ARG B 35 -9.41 -21.13 -7.35
CA ARG B 35 -9.84 -21.80 -6.14
C ARG B 35 -10.79 -22.95 -6.50
N GLU B 36 -11.88 -22.63 -7.22
CA GLU B 36 -12.92 -23.58 -7.63
C GLU B 36 -12.39 -24.77 -8.43
N ASN B 37 -11.27 -24.57 -9.17
CA ASN B 37 -10.68 -25.60 -10.02
C ASN B 37 -9.45 -26.23 -9.39
N ASP B 38 -9.39 -26.26 -8.06
CA ASP B 38 -8.39 -26.96 -7.22
C ASP B 38 -6.91 -26.54 -7.43
N PHE B 39 -6.65 -25.23 -7.56
CA PHE B 39 -5.29 -24.72 -7.68
C PHE B 39 -4.77 -24.24 -6.32
N GLU B 40 -5.65 -24.27 -5.25
CA GLU B 40 -5.35 -23.86 -3.88
C GLU B 40 -4.65 -22.47 -3.88
N PRO B 41 -5.30 -21.41 -4.44
CA PRO B 41 -4.64 -20.09 -4.45
C PRO B 41 -4.63 -19.41 -3.06
N PHE B 43 -3.02 -15.34 -1.49
CA PHE B 43 -2.36 -14.06 -1.72
C PHE B 43 -1.31 -13.87 -0.65
N LEU B 44 -0.07 -13.78 -1.07
CA LEU B 44 1.09 -13.63 -0.20
C LEU B 44 1.47 -12.18 -0.06
N CYS B 45 1.85 -11.82 1.14
CA CYS B 45 2.14 -10.47 1.51
C CYS B 45 3.49 -10.31 2.18
N GLU B 46 4.23 -9.26 1.80
CA GLU B 46 5.55 -8.92 2.31
C GLU B 46 5.52 -7.47 2.80
N VAL B 47 5.67 -7.25 4.13
CA VAL B 47 5.61 -5.89 4.69
C VAL B 47 6.96 -5.45 5.28
N LEU B 49 9.04 -1.67 6.99
CA LEU B 49 8.89 -0.33 7.54
C LEU B 49 9.87 0.59 6.81
N ALA B 50 9.39 1.75 6.36
CA ALA B 50 10.30 2.67 5.70
C ALA B 50 10.19 4.05 6.29
N PHE B 51 11.32 4.78 6.33
CA PHE B 51 11.40 6.15 6.84
C PHE B 51 12.60 6.89 6.26
N CYS B 53 15.82 8.81 6.80
CA CYS B 53 16.80 8.91 7.87
C CYS B 53 17.72 10.12 7.69
N ASP B 54 18.95 9.91 7.20
CA ASP B 54 19.87 11.02 7.03
C ASP B 54 19.39 11.86 5.86
N GLY B 55 19.36 11.25 4.68
CA GLY B 55 18.84 11.86 3.46
C GLY B 55 18.38 10.75 2.55
N GLU B 56 18.28 9.54 3.11
CA GLU B 56 17.90 8.32 2.41
C GLU B 56 16.62 7.69 2.95
N ILE B 57 16.12 6.69 2.21
CA ILE B 57 14.96 5.90 2.62
C ILE B 57 15.52 4.59 3.12
N THR B 59 14.70 0.94 4.66
CA THR B 59 13.64 -0.06 4.66
C THR B 59 14.09 -1.25 5.51
N PHE B 60 13.29 -1.61 6.54
CA PHE B 60 13.59 -2.68 7.48
C PHE B 60 12.49 -3.74 7.57
N SER B 61 12.88 -4.99 7.86
CA SER B 61 11.97 -6.13 8.03
C SER B 61 12.18 -6.79 9.40
N ASP B 62 13.21 -6.37 10.16
CA ASP B 62 13.54 -6.88 11.49
C ASP B 62 13.88 -5.73 12.46
N LEU B 63 13.54 -5.92 13.77
CA LEU B 63 13.81 -4.96 14.85
C LEU B 63 15.30 -4.91 15.19
N GLN B 64 15.99 -6.07 15.14
CA GLN B 64 17.43 -6.16 15.43
C GLN B 64 18.23 -5.42 14.35
N SER B 65 17.75 -5.50 13.07
CA SER B 65 18.31 -4.79 11.91
C SER B 65 18.19 -3.28 12.15
N LEU B 66 17.09 -2.86 12.80
CA LEU B 66 16.86 -1.47 13.18
C LEU B 66 17.74 -1.10 14.37
N ARG B 67 17.80 -1.95 15.43
CA ARG B 67 18.62 -1.74 16.64
C ARG B 67 20.08 -1.43 16.27
N PHE B 69 21.21 -0.31 13.33
CA PHE B 69 21.28 0.96 12.61
C PHE B 69 21.00 2.16 13.54
N ALA B 70 20.07 2.02 14.50
CA ALA B 70 19.68 3.08 15.43
C ALA B 70 20.80 3.43 16.42
N SER B 71 21.69 2.46 16.70
CA SER B 71 22.82 2.62 17.61
C SER B 71 23.93 3.50 17.03
N GLN B 72 24.22 3.37 15.70
CA GLN B 72 25.28 4.12 15.01
C GLN B 72 24.87 5.59 14.62
N SER B 74 23.20 9.07 16.72
CA SER B 74 22.83 9.73 17.99
C SER B 74 21.36 10.17 17.98
N SER B 75 20.83 10.47 16.76
CA SER B 75 19.46 10.90 16.47
C SER B 75 18.38 9.82 16.79
N GLU B 78 19.11 7.02 21.69
CA GLU B 78 18.37 7.23 22.94
C GLU B 78 16.85 7.15 22.74
N LEU B 79 16.37 7.60 21.56
CA LEU B 79 14.96 7.68 21.19
C LEU B 79 14.23 6.33 21.15
N LEU B 80 14.91 5.23 20.78
CA LEU B 80 14.27 3.92 20.69
C LEU B 80 14.77 2.94 21.74
N ASP B 82 14.00 2.25 24.79
CA ASP B 82 12.94 1.57 25.54
C ASP B 82 12.04 0.65 24.68
N VAL B 83 11.97 0.87 23.35
CA VAL B 83 11.10 0.06 22.49
C VAL B 83 11.81 -1.18 21.99
N LEU B 84 12.98 -0.97 21.36
CA LEU B 84 13.82 -1.99 20.73
C LEU B 84 14.35 -3.05 21.73
N PRO B 85 14.56 -4.30 21.24
CA PRO B 85 15.08 -5.37 22.12
C PRO B 85 16.53 -5.14 22.55
N GLN B 86 16.90 -5.66 23.74
CA GLN B 86 18.24 -5.53 24.32
C GLN B 86 19.25 -6.59 23.80
N VAL C 2 1.98 -19.18 20.95
CA VAL C 2 2.33 -20.57 20.63
C VAL C 2 2.47 -20.77 19.13
N LEU C 3 1.57 -20.17 18.35
CA LEU C 3 1.61 -20.32 16.91
C LEU C 3 2.53 -19.30 16.29
N ASP C 5 4.51 -16.61 14.42
CA ASP C 5 4.39 -15.18 14.20
C ASP C 5 4.49 -14.94 12.68
N GLU C 6 3.36 -15.09 11.96
CA GLU C 6 3.36 -14.97 10.51
C GLU C 6 2.05 -14.39 10.03
N GLY C 7 2.17 -13.48 9.08
CA GLY C 7 1.05 -12.82 8.41
C GLY C 7 1.25 -12.77 6.90
N ALA C 8 2.18 -13.61 6.36
CA ALA C 8 2.51 -13.69 4.93
C ALA C 8 1.29 -14.12 4.10
N VAL C 9 0.48 -15.08 4.58
CA VAL C 9 -0.73 -15.46 3.87
C VAL C 9 -1.88 -14.54 4.35
N LEU C 10 -2.53 -13.85 3.41
CA LEU C 10 -3.62 -12.92 3.68
C LEU C 10 -4.92 -13.65 3.98
N THR C 11 -5.76 -13.06 4.85
CA THR C 11 -7.06 -13.62 5.16
C THR C 11 -8.06 -12.77 4.40
N LEU C 12 -8.61 -13.29 3.32
CA LEU C 12 -9.52 -12.50 2.49
C LEU C 12 -10.93 -12.46 3.00
N ALA C 13 -11.67 -11.42 2.60
CA ALA C 13 -13.08 -11.25 2.88
C ALA C 13 -13.83 -12.26 2.05
N ALA C 14 -15.07 -12.61 2.44
CA ALA C 14 -15.89 -13.58 1.74
C ALA C 14 -16.00 -13.25 0.24
N ASP C 15 -16.21 -11.96 -0.10
CA ASP C 15 -16.33 -11.51 -1.48
C ASP C 15 -14.97 -11.38 -2.20
N LEU C 16 -13.84 -11.71 -1.48
CA LEU C 16 -12.43 -11.73 -1.94
C LEU C 16 -11.98 -10.35 -2.44
N SER C 17 -12.65 -9.26 -1.95
CA SER C 17 -12.42 -7.88 -2.34
C SER C 17 -11.42 -7.16 -1.43
N SER C 18 -11.22 -7.66 -0.21
CA SER C 18 -10.31 -7.04 0.78
C SER C 18 -9.71 -8.06 1.72
N ALA C 19 -8.71 -7.62 2.51
CA ALA C 19 -8.03 -8.39 3.56
C ALA C 19 -7.52 -7.46 4.65
N THR C 20 -7.57 -7.86 5.93
CA THR C 20 -7.09 -6.99 6.98
C THR C 20 -5.81 -7.51 7.63
N LEU C 21 -4.78 -6.64 7.70
CA LEU C 21 -3.47 -6.88 8.30
C LEU C 21 -3.45 -6.40 9.74
N ASP C 22 -2.93 -7.24 10.65
CA ASP C 22 -2.80 -6.88 12.07
C ASP C 22 -1.33 -6.62 12.37
N ILE C 23 -1.01 -5.43 12.92
CA ILE C 23 0.38 -5.07 13.17
C ILE C 23 0.73 -5.30 14.63
N SER C 24 1.91 -5.91 14.81
CA SER C 24 2.56 -6.20 16.08
C SER C 24 2.64 -4.92 16.89
N GLN C 26 4.62 -4.00 19.08
CA GLN C 26 6.00 -3.48 19.16
C GLN C 26 6.33 -2.60 17.93
N TRP C 27 5.96 -3.04 16.71
CA TRP C 27 6.18 -2.30 15.48
C TRP C 27 5.27 -1.06 15.39
N SER C 28 4.07 -1.11 16.02
CA SER C 28 3.15 0.02 16.09
C SER C 28 3.79 1.15 16.90
N ASN C 29 4.45 0.78 18.04
CA ASN C 29 5.12 1.72 18.94
C ASN C 29 6.31 2.35 18.22
N VAL C 30 7.14 1.53 17.54
CA VAL C 30 8.28 1.99 16.75
C VAL C 30 7.78 3.03 15.74
N PHE C 31 6.66 2.72 15.06
CA PHE C 31 6.05 3.60 14.08
C PHE C 31 5.67 4.94 14.71
N ASN C 32 4.89 4.93 15.82
CA ASN C 32 4.44 6.16 16.47
C ASN C 32 5.63 7.05 16.93
N ILE C 33 6.68 6.47 17.56
CA ILE C 33 7.86 7.25 17.99
C ILE C 33 8.51 7.95 16.77
N LEU C 34 8.69 7.20 15.66
CA LEU C 34 9.29 7.71 14.42
C LEU C 34 8.41 8.80 13.80
N ARG C 35 7.10 8.59 13.81
CA ARG C 35 6.15 9.56 13.28
C ARG C 35 6.26 10.88 14.03
N GLU C 36 6.11 10.82 15.38
CA GLU C 36 6.16 11.99 16.28
C GLU C 36 7.48 12.77 16.19
N ASN C 37 8.58 12.10 15.81
CA ASN C 37 9.88 12.73 15.72
C ASN C 37 10.29 13.05 14.26
N ASP C 38 9.27 13.27 13.40
CA ASP C 38 9.36 13.71 12.00
C ASP C 38 10.22 12.82 11.06
N PHE C 39 10.06 11.50 11.16
CA PHE C 39 10.76 10.56 10.27
C PHE C 39 9.88 10.15 9.09
N GLU C 40 8.60 10.63 9.08
CA GLU C 40 7.58 10.35 8.07
C GLU C 40 7.55 8.81 7.77
N PRO C 41 7.28 7.95 8.79
CA PRO C 41 7.30 6.50 8.53
C PRO C 41 6.09 6.01 7.76
N PHE C 43 4.45 1.98 6.17
CA PHE C 43 4.59 0.54 6.02
C PHE C 43 4.27 0.21 4.59
N LEU C 44 5.25 -0.38 3.91
CA LEU C 44 5.16 -0.72 2.49
C LEU C 44 4.77 -2.17 2.35
N CYS C 45 3.90 -2.42 1.38
CA CYS C 45 3.33 -3.71 1.16
C CYS C 45 3.56 -4.23 -0.28
N GLU C 46 3.92 -5.52 -0.38
CA GLU C 46 4.19 -6.21 -1.64
C GLU C 46 3.29 -7.45 -1.71
N VAL C 47 2.35 -7.48 -2.69
CA VAL C 47 1.40 -8.60 -2.79
C VAL C 47 1.59 -9.38 -4.10
N LEU C 49 0.15 -13.31 -6.08
CA LEU C 49 -0.81 -14.42 -6.08
C LEU C 49 -0.03 -15.71 -6.17
N ALA C 50 -0.34 -16.69 -5.32
CA ALA C 50 0.36 -17.97 -5.39
C ALA C 50 -0.62 -19.11 -5.48
N PHE C 51 -0.23 -20.15 -6.23
CA PHE C 51 -1.02 -21.37 -6.43
C PHE C 51 -0.13 -22.55 -6.80
N CYS C 53 0.82 -25.33 -9.14
CA CYS C 53 0.61 -25.61 -10.55
C CYS C 53 1.00 -27.04 -10.92
N ASP C 54 2.17 -27.23 -11.54
CA ASP C 54 2.58 -28.55 -11.99
C ASP C 54 2.83 -29.39 -10.75
N GLY C 55 3.84 -29.03 -9.98
CA GLY C 55 4.13 -29.64 -8.68
C GLY C 55 4.82 -28.62 -7.82
N GLU C 56 4.76 -27.36 -8.27
CA GLU C 56 5.44 -26.23 -7.67
C GLU C 56 4.46 -25.14 -7.23
N ILE C 57 5.01 -24.13 -6.55
CA ILE C 57 4.26 -22.96 -6.16
C ILE C 57 4.68 -21.86 -7.11
N THR C 59 4.19 -17.91 -8.40
CA THR C 59 3.73 -16.59 -7.92
C THR C 59 3.68 -15.58 -9.05
N PHE C 60 2.63 -14.76 -9.10
CA PHE C 60 2.44 -13.74 -10.12
C PHE C 60 1.96 -12.42 -9.53
N SER C 61 2.44 -11.32 -10.10
CA SER C 61 2.17 -9.93 -9.74
C SER C 61 1.59 -9.22 -10.94
N ASP C 62 1.66 -9.87 -12.12
CA ASP C 62 1.26 -9.37 -13.42
C ASP C 62 0.35 -10.37 -14.13
N LEU C 63 -0.77 -9.88 -14.68
CA LEU C 63 -1.74 -10.70 -15.40
C LEU C 63 -1.22 -11.18 -16.77
N GLN C 64 -0.44 -10.33 -17.47
CA GLN C 64 0.12 -10.73 -18.77
C GLN C 64 1.11 -11.91 -18.59
N SER C 65 1.88 -11.92 -17.48
CA SER C 65 2.76 -13.02 -17.10
C SER C 65 1.91 -14.23 -16.78
N LEU C 66 0.77 -14.03 -16.07
CA LEU C 66 -0.08 -15.16 -15.76
C LEU C 66 -0.72 -15.70 -17.05
N ARG C 67 -1.21 -14.81 -17.95
CA ARG C 67 -1.80 -15.20 -19.24
C ARG C 67 -0.82 -16.02 -20.07
N PHE C 69 1.86 -17.66 -18.98
CA PHE C 69 2.09 -18.94 -18.30
C PHE C 69 0.89 -19.90 -18.49
N ALA C 70 -0.34 -19.43 -18.25
CA ALA C 70 -1.56 -20.23 -18.40
C ALA C 70 -1.71 -20.77 -19.82
N SER C 71 -1.31 -19.98 -20.84
CA SER C 71 -1.43 -20.34 -22.25
C SER C 71 -0.79 -21.70 -22.59
N GLN C 72 0.19 -22.12 -21.77
CA GLN C 72 0.88 -23.39 -21.99
C GLN C 72 0.58 -24.43 -20.90
N SER C 74 -2.68 -26.84 -19.91
CA SER C 74 -3.99 -27.31 -20.38
C SER C 74 -5.10 -27.03 -19.35
N SER C 75 -4.74 -27.09 -18.04
CA SER C 75 -5.56 -26.83 -16.85
C SER C 75 -6.08 -25.41 -16.75
N GLU C 78 -7.90 -22.80 -21.21
CA GLU C 78 -9.31 -22.56 -21.51
C GLU C 78 -10.10 -21.92 -20.36
N LEU C 79 -9.76 -22.31 -19.13
CA LEU C 79 -10.33 -21.90 -17.85
C LEU C 79 -10.25 -20.41 -17.59
N LEU C 80 -9.20 -19.73 -18.05
CA LEU C 80 -9.05 -18.31 -17.75
C LEU C 80 -9.08 -17.47 -19.01
N ASP C 82 -11.56 -16.08 -20.67
CA ASP C 82 -12.49 -14.95 -20.55
C ASP C 82 -12.13 -13.96 -19.46
N VAL C 83 -11.33 -14.40 -18.48
CA VAL C 83 -10.95 -13.63 -17.30
C VAL C 83 -9.73 -12.76 -17.56
N LEU C 84 -8.74 -13.32 -18.27
CA LEU C 84 -7.46 -12.68 -18.53
C LEU C 84 -7.47 -11.82 -19.82
N PRO C 85 -6.58 -10.76 -19.90
CA PRO C 85 -6.58 -9.88 -21.08
C PRO C 85 -6.17 -10.58 -22.38
N GLN C 86 -6.69 -10.11 -23.53
CA GLN C 86 -6.43 -10.68 -24.85
C GLN C 86 -5.12 -10.17 -25.50
#